data_1GIS
#
_entry.id   1GIS
#
_cell.length_a   38.0
_cell.length_b   75.9
_cell.length_c   78.4
_cell.angle_alpha   90
_cell.angle_beta   90
_cell.angle_gamma   90
#
_symmetry.space_group_name_H-M   'P 21 21 21'
#
loop_
_entity.id
_entity.type
_entity.pdbx_description
1 polymer 'RIBOSOME-INACTIVATING PROTEIN ALPHA-TRICHOSANTHIN'
2 non-polymer "2'-DEOXYADENOSINE-5'-MONOPHOSPHATE"
3 water water
#
_entity_poly.entity_id   1
_entity_poly.type   'polypeptide(L)'
_entity_poly.pdbx_seq_one_letter_code
;MDVSFRLSGATSSSYGVFISNLRKALPNERKLYDIPLLRSSLPGSQRYALIHLTNYADETISVAIDVTNVYIMGYRAGDT
SYFFNQASATEAAKYVFKDAMRKVTLPYSGNYERLQTAAGKIRENIPLGLPALDSAITTLFYYNANSAASALMVLIQSTS
EAARYKFIEQQIGKRVDKTFLPSLAIISLENSWSALSKQIQIASTNNGQFESPVVLINAQNQRVTITNVDAGVVTSNIAL
LLNRNNMA
;
_entity_poly.pdbx_strand_id   A
#
loop_
_chem_comp.id
_chem_comp.type
_chem_comp.name
_chem_comp.formula
D5M non-polymer 2'-DEOXYADENOSINE-5'-MONOPHOSPHATE 'C10 H14 N5 O6 P'
#
# COMPACT_ATOMS: atom_id res chain seq x y z
N MET A 1 -1.40 -3.46 -16.05
CA MET A 1 -2.65 -4.21 -15.77
C MET A 1 -3.41 -3.54 -14.66
N ASP A 2 -4.68 -3.20 -14.92
CA ASP A 2 -5.47 -2.51 -13.92
C ASP A 2 -6.46 -3.37 -13.15
N VAL A 3 -6.80 -2.93 -11.95
CA VAL A 3 -7.70 -3.68 -11.07
C VAL A 3 -8.72 -2.72 -10.49
N SER A 4 -9.80 -3.29 -9.98
CA SER A 4 -10.87 -2.46 -9.44
C SER A 4 -11.45 -3.06 -8.18
N PHE A 5 -12.12 -2.20 -7.41
CA PHE A 5 -12.77 -2.62 -6.19
C PHE A 5 -13.94 -1.66 -6.00
N ARG A 6 -15.12 -2.23 -5.78
CA ARG A 6 -16.34 -1.46 -5.58
C ARG A 6 -16.83 -1.65 -4.13
N LEU A 7 -17.04 -0.53 -3.43
CA LEU A 7 -17.50 -0.59 -2.06
C LEU A 7 -18.96 -0.95 -1.95
N SER A 8 -19.76 -0.59 -2.95
CA SER A 8 -21.17 -0.92 -2.88
C SER A 8 -21.33 -2.43 -3.08
N GLY A 9 -21.83 -3.11 -2.04
CA GLY A 9 -21.99 -4.56 -2.10
C GLY A 9 -20.75 -5.30 -1.65
N ALA A 10 -19.75 -4.53 -1.21
CA ALA A 10 -18.48 -5.13 -0.79
C ALA A 10 -18.66 -6.09 0.39
N THR A 11 -17.81 -7.11 0.39
CA THR A 11 -17.76 -8.13 1.45
C THR A 11 -16.30 -8.42 1.80
N SER A 12 -16.08 -9.18 2.87
CA SER A 12 -14.72 -9.52 3.23
C SER A 12 -14.08 -10.27 2.08
N SER A 13 -14.82 -11.18 1.47
CA SER A 13 -14.25 -11.94 0.39
C SER A 13 -13.98 -11.12 -0.86
N SER A 14 -14.83 -10.13 -1.17
CA SER A 14 -14.59 -9.37 -2.36
C SER A 14 -13.38 -8.46 -2.18
N TYR A 15 -13.11 -8.05 -0.94
CA TYR A 15 -11.89 -7.25 -0.71
C TYR A 15 -10.67 -8.18 -0.89
N GLY A 16 -10.79 -9.43 -0.44
CA GLY A 16 -9.69 -10.37 -0.61
C GLY A 16 -9.41 -10.66 -2.08
N VAL A 17 -10.47 -10.76 -2.88
CA VAL A 17 -10.31 -10.99 -4.31
C VAL A 17 -9.60 -9.79 -4.91
N PHE A 18 -9.98 -8.60 -4.45
CA PHE A 18 -9.37 -7.38 -4.94
C PHE A 18 -7.88 -7.34 -4.62
N ILE A 19 -7.53 -7.59 -3.37
CA ILE A 19 -6.12 -7.53 -3.02
C ILE A 19 -5.31 -8.63 -3.72
N SER A 20 -5.90 -9.82 -3.90
CA SER A 20 -5.18 -10.89 -4.61
C SER A 20 -4.93 -10.47 -6.07
N ASN A 21 -5.93 -9.82 -6.68
CA ASN A 21 -5.81 -9.32 -8.04
C ASN A 21 -4.73 -8.23 -8.12
N LEU A 22 -4.68 -7.38 -7.09
CA LEU A 22 -3.66 -6.34 -7.07
C LEU A 22 -2.26 -6.96 -7.01
N ARG A 23 -2.08 -7.97 -6.17
CA ARG A 23 -0.77 -8.60 -6.06
C ARG A 23 -0.38 -9.23 -7.40
N LYS A 24 -1.34 -9.87 -8.05
CA LYS A 24 -1.05 -10.53 -9.32
C LYS A 24 -0.69 -9.57 -10.42
N ALA A 25 -1.25 -8.37 -10.34
CA ALA A 25 -1.00 -7.34 -11.35
C ALA A 25 0.41 -6.80 -11.31
N LEU A 26 1.10 -7.00 -10.19
CA LEU A 26 2.47 -6.49 -10.07
C LEU A 26 3.43 -7.48 -10.73
N PRO A 27 4.20 -7.01 -11.72
CA PRO A 27 5.13 -7.91 -12.39
C PRO A 27 6.16 -8.53 -11.46
N ASN A 28 6.52 -9.78 -11.72
CA ASN A 28 7.58 -10.43 -10.96
C ASN A 28 8.09 -11.57 -11.81
N GLU A 29 9.39 -11.78 -11.77
CA GLU A 29 10.02 -12.86 -12.51
C GLU A 29 10.44 -13.95 -11.55
N ARG A 30 10.79 -13.56 -10.32
CA ARG A 30 11.27 -14.52 -9.33
C ARG A 30 10.42 -14.57 -8.06
N LYS A 31 10.57 -15.64 -7.28
CA LYS A 31 9.92 -15.73 -5.98
C LYS A 31 10.99 -16.25 -5.05
N LEU A 32 10.91 -15.87 -3.79
CA LEU A 32 11.84 -16.35 -2.77
C LEU A 32 10.92 -16.83 -1.68
N TYR A 33 11.08 -18.11 -1.30
CA TYR A 33 10.23 -18.67 -0.27
C TYR A 33 8.77 -18.46 -0.67
N ASP A 34 8.51 -18.71 -1.96
CA ASP A 34 7.19 -18.56 -2.57
C ASP A 34 6.56 -17.20 -2.49
N ILE A 35 7.36 -16.16 -2.21
CA ILE A 35 6.85 -14.80 -2.13
C ILE A 35 7.36 -14.09 -3.38
N PRO A 36 6.47 -13.44 -4.12
CA PRO A 36 6.89 -12.72 -5.32
C PRO A 36 7.90 -11.63 -4.99
N LEU A 37 8.97 -11.55 -5.79
CA LEU A 37 9.99 -10.52 -5.63
C LEU A 37 9.68 -9.45 -6.68
N LEU A 38 9.36 -8.24 -6.25
CA LEU A 38 9.07 -7.16 -7.20
C LEU A 38 10.32 -6.83 -8.04
N ARG A 39 10.10 -6.26 -9.22
CA ARG A 39 11.22 -5.92 -10.12
C ARG A 39 11.93 -4.69 -9.60
N SER A 40 13.21 -4.51 -9.94
CA SER A 40 13.89 -3.32 -9.44
C SER A 40 13.76 -2.17 -10.42
N SER A 41 13.69 -2.48 -11.71
CA SER A 41 13.56 -1.45 -12.76
C SER A 41 12.63 -1.86 -13.89
N LEU A 42 11.69 -0.99 -14.27
CA LEU A 42 10.79 -1.26 -15.38
C LEU A 42 10.60 -0.03 -16.27
N PRO A 43 10.38 -0.24 -17.59
CA PRO A 43 10.16 0.85 -18.55
C PRO A 43 8.88 1.56 -18.14
N GLY A 44 8.73 2.82 -18.49
CA GLY A 44 7.52 3.53 -18.12
C GLY A 44 6.21 2.85 -18.47
N SER A 45 6.13 2.26 -19.65
CA SER A 45 4.89 1.62 -20.09
C SER A 45 4.51 0.38 -19.32
N GLN A 46 5.41 -0.13 -18.48
CA GLN A 46 5.14 -1.32 -17.67
C GLN A 46 5.17 -1.03 -16.18
N ARG A 47 5.52 0.20 -15.85
CA ARG A 47 5.76 0.54 -14.45
C ARG A 47 4.59 0.91 -13.59
N TYR A 48 3.45 1.22 -14.20
CA TYR A 48 2.29 1.63 -13.42
C TYR A 48 1.03 0.80 -13.62
N ALA A 49 0.27 0.62 -12.54
CA ALA A 49 -0.97 -0.11 -12.60
C ALA A 49 -2.01 0.89 -12.09
N LEU A 50 -3.23 0.76 -12.54
CA LEU A 50 -4.26 1.66 -12.05
C LEU A 50 -5.24 0.84 -11.23
N ILE A 51 -5.63 1.38 -10.08
CA ILE A 51 -6.62 0.76 -9.21
C ILE A 51 -7.85 1.66 -9.28
N HIS A 52 -8.97 1.11 -9.73
CA HIS A 52 -10.19 1.91 -9.84
C HIS A 52 -11.06 1.60 -8.65
N LEU A 53 -11.35 2.63 -7.84
CA LEU A 53 -12.15 2.45 -6.64
C LEU A 53 -13.45 3.21 -6.73
N THR A 54 -14.57 2.54 -6.45
CA THR A 54 -15.87 3.23 -6.46
C THR A 54 -16.48 3.12 -5.05
N ASN A 55 -16.99 4.24 -4.52
CA ASN A 55 -17.58 4.24 -3.19
C ASN A 55 -19.04 3.84 -3.16
N TYR A 56 -19.66 3.90 -1.98
CA TYR A 56 -21.07 3.47 -1.88
C TYR A 56 -21.97 4.35 -2.72
N ALA A 57 -21.54 5.58 -2.90
CA ALA A 57 -22.30 6.60 -3.62
C ALA A 57 -22.05 6.61 -5.11
N ASP A 58 -21.37 5.59 -5.59
CA ASP A 58 -21.09 5.48 -7.02
C ASP A 58 -20.15 6.56 -7.56
N GLU A 59 -19.24 7.07 -6.73
CA GLU A 59 -18.25 8.06 -7.16
C GLU A 59 -16.95 7.27 -7.29
N THR A 60 -16.21 7.50 -8.37
CA THR A 60 -15.00 6.72 -8.62
C THR A 60 -13.72 7.54 -8.68
N ILE A 61 -12.64 7.00 -8.14
CA ILE A 61 -11.33 7.62 -8.32
C ILE A 61 -10.41 6.54 -8.87
N SER A 62 -9.38 6.93 -9.61
CA SER A 62 -8.42 5.97 -10.15
C SER A 62 -7.11 6.27 -9.49
N VAL A 63 -6.45 5.22 -9.00
CA VAL A 63 -5.21 5.36 -8.26
C VAL A 63 -4.05 4.76 -8.99
N ALA A 64 -3.03 5.56 -9.22
CA ALA A 64 -1.84 5.07 -9.90
C ALA A 64 -0.80 4.52 -8.92
N ILE A 65 -0.39 3.28 -9.14
CA ILE A 65 0.63 2.69 -8.26
C ILE A 65 1.90 2.30 -9.03
N ASP A 66 3.06 2.52 -8.39
CA ASP A 66 4.35 2.14 -8.97
C ASP A 66 4.47 0.65 -8.63
N VAL A 67 4.53 -0.20 -9.66
CA VAL A 67 4.54 -1.64 -9.41
C VAL A 67 5.81 -2.19 -8.87
N THR A 68 6.84 -1.37 -8.78
CA THR A 68 8.11 -1.87 -8.28
C THR A 68 8.17 -1.76 -6.77
N ASN A 69 7.34 -0.91 -6.17
CA ASN A 69 7.37 -0.77 -4.71
C ASN A 69 5.99 -0.60 -4.07
N VAL A 70 4.96 -0.72 -4.92
CA VAL A 70 3.56 -0.57 -4.54
C VAL A 70 3.25 0.81 -3.97
N TYR A 71 4.10 1.79 -4.26
CA TYR A 71 3.82 3.14 -3.78
C TYR A 71 2.70 3.80 -4.58
N ILE A 72 1.85 4.60 -3.93
CA ILE A 72 0.83 5.34 -4.69
C ILE A 72 1.50 6.59 -5.28
N MET A 73 1.34 6.82 -6.59
CA MET A 73 1.93 7.99 -7.26
C MET A 73 0.98 9.17 -7.22
N GLY A 74 -0.30 8.89 -7.35
CA GLY A 74 -1.29 9.97 -7.35
C GLY A 74 -2.62 9.36 -7.71
N TYR A 75 -3.64 10.20 -7.90
CA TYR A 75 -4.95 9.67 -8.28
C TYR A 75 -5.69 10.66 -9.15
N ARG A 76 -6.73 10.16 -9.80
CA ARG A 76 -7.54 10.98 -10.65
C ARG A 76 -8.97 11.00 -10.16
N ALA A 77 -9.58 12.18 -10.13
CA ALA A 77 -10.99 12.31 -9.76
C ALA A 77 -11.60 13.15 -10.88
N GLY A 78 -12.33 12.48 -11.76
CA GLY A 78 -12.94 13.18 -12.87
C GLY A 78 -11.90 13.82 -13.77
N ASP A 79 -11.95 15.15 -13.88
CA ASP A 79 -11.04 15.87 -14.75
C ASP A 79 -9.79 16.41 -14.11
N THR A 80 -9.51 15.98 -12.90
CA THR A 80 -8.35 16.47 -12.20
C THR A 80 -7.44 15.35 -11.71
N SER A 81 -6.15 15.51 -11.93
CA SER A 81 -5.21 14.51 -11.42
C SER A 81 -4.48 15.16 -10.24
N TYR A 82 -4.04 14.33 -9.29
CA TYR A 82 -3.31 14.77 -8.10
C TYR A 82 -2.12 13.84 -7.92
N PHE A 83 -0.91 14.41 -7.86
CA PHE A 83 0.27 13.60 -7.67
C PHE A 83 1.07 14.03 -6.46
N PHE A 84 1.70 13.05 -5.82
CA PHE A 84 2.56 13.39 -4.68
C PHE A 84 3.76 14.20 -5.16
N ASN A 85 4.32 14.97 -4.24
CA ASN A 85 5.47 15.79 -4.59
C ASN A 85 6.71 14.97 -4.28
N GLN A 86 7.01 14.04 -5.18
CA GLN A 86 8.20 13.22 -5.01
C GLN A 86 8.65 12.79 -6.39
N ALA A 87 9.96 12.61 -6.51
CA ALA A 87 10.56 12.24 -7.78
C ALA A 87 9.82 11.16 -8.59
N SER A 88 9.48 10.04 -7.95
CA SER A 88 8.83 8.98 -8.70
C SER A 88 7.46 9.35 -9.21
N ALA A 89 6.77 10.24 -8.50
CA ALA A 89 5.44 10.66 -8.92
C ALA A 89 5.54 11.65 -10.08
N THR A 90 6.56 12.51 -10.02
CA THR A 90 6.77 13.45 -11.12
C THR A 90 7.01 12.65 -12.40
N GLU A 91 7.74 11.56 -12.25
CA GLU A 91 8.02 10.69 -13.39
C GLU A 91 6.72 10.02 -13.83
N ALA A 92 5.90 9.57 -12.88
CA ALA A 92 4.65 8.90 -13.22
C ALA A 92 3.73 9.80 -14.00
N ALA A 93 3.78 11.09 -13.69
CA ALA A 93 2.89 12.05 -14.33
C ALA A 93 3.10 12.12 -15.83
N LYS A 94 4.24 11.63 -16.30
CA LYS A 94 4.53 11.64 -17.74
C LYS A 94 3.83 10.47 -18.44
N TYR A 95 3.41 9.50 -17.64
CA TYR A 95 2.78 8.31 -18.22
C TYR A 95 1.30 8.05 -17.95
N VAL A 96 0.80 8.45 -16.78
CA VAL A 96 -0.59 8.18 -16.45
C VAL A 96 -1.44 9.43 -16.27
N PHE A 97 -2.75 9.27 -16.46
CA PHE A 97 -3.70 10.38 -16.32
C PHE A 97 -3.28 11.52 -17.23
N LYS A 98 -2.74 11.17 -18.39
CA LYS A 98 -2.26 12.20 -19.30
C LYS A 98 -3.30 13.16 -19.80
N ASP A 99 -4.51 12.67 -19.97
CA ASP A 99 -5.60 13.49 -20.50
C ASP A 99 -6.44 14.31 -19.50
N ALA A 100 -6.06 14.33 -18.22
CA ALA A 100 -6.79 15.13 -17.24
C ALA A 100 -6.61 16.61 -17.57
N MET A 101 -7.66 17.42 -17.45
CA MET A 101 -7.50 18.83 -17.77
C MET A 101 -6.71 19.65 -16.79
N ARG A 102 -6.87 19.33 -15.50
CA ARG A 102 -6.21 20.04 -14.42
C ARG A 102 -5.30 19.06 -13.71
N LYS A 103 -4.10 19.49 -13.32
CA LYS A 103 -3.13 18.62 -12.65
C LYS A 103 -2.63 19.29 -11.38
N VAL A 104 -2.94 18.69 -10.24
CA VAL A 104 -2.51 19.24 -8.97
C VAL A 104 -1.34 18.50 -8.39
N THR A 105 -0.30 19.22 -7.97
CA THR A 105 0.82 18.57 -7.29
C THR A 105 0.54 18.78 -5.80
N LEU A 106 0.37 17.68 -5.06
CA LEU A 106 0.10 17.75 -3.63
C LEU A 106 1.28 18.41 -2.92
N PRO A 107 1.03 19.00 -1.74
CA PRO A 107 2.07 19.67 -1.00
C PRO A 107 3.03 18.80 -0.24
N TYR A 108 2.90 17.49 -0.40
CA TYR A 108 3.77 16.57 0.31
C TYR A 108 4.05 15.33 -0.52
N SER A 109 5.05 14.54 -0.09
CA SER A 109 5.37 13.25 -0.71
C SER A 109 4.42 12.27 0.02
N GLY A 110 4.43 11.00 -0.36
CA GLY A 110 3.54 10.07 0.35
C GLY A 110 4.20 9.43 1.55
N ASN A 111 5.29 9.99 2.05
CA ASN A 111 5.88 9.33 3.20
C ASN A 111 5.05 9.57 4.46
N TYR A 112 4.89 8.51 5.23
CA TYR A 112 4.07 8.64 6.43
C TYR A 112 4.47 9.76 7.38
N GLU A 113 5.76 10.05 7.54
CA GLU A 113 6.08 11.13 8.47
C GLU A 113 5.50 12.43 7.96
N ARG A 114 5.56 12.66 6.66
CA ARG A 114 5.01 13.91 6.14
C ARG A 114 3.48 13.89 6.24
N LEU A 115 2.86 12.73 5.97
CA LEU A 115 1.40 12.69 5.99
C LEU A 115 0.80 12.81 7.39
N GLN A 116 1.47 12.25 8.39
CA GLN A 116 0.94 12.34 9.74
C GLN A 116 1.11 13.77 10.23
N THR A 117 2.19 14.43 9.83
CA THR A 117 2.38 15.80 10.24
C THR A 117 1.29 16.65 9.60
N ALA A 118 1.00 16.39 8.34
CA ALA A 118 -0.02 17.17 7.65
C ALA A 118 -1.42 16.93 8.19
N ALA A 119 -1.69 15.66 8.52
CA ALA A 119 -3.00 15.28 9.06
C ALA A 119 -3.15 15.62 10.54
N GLY A 120 -2.03 15.86 11.22
CA GLY A 120 -2.08 16.18 12.64
C GLY A 120 -2.50 14.96 13.43
N LYS A 121 -2.24 13.78 12.89
CA LYS A 121 -2.61 12.54 13.55
C LYS A 121 -1.63 11.43 13.21
N ILE A 122 -1.47 10.50 14.14
CA ILE A 122 -0.60 9.35 13.90
C ILE A 122 -1.46 8.21 13.38
N ARG A 123 -0.85 7.28 12.65
CA ARG A 123 -1.60 6.16 12.07
C ARG A 123 -2.51 5.40 13.05
N GLU A 124 -2.04 5.19 14.27
CA GLU A 124 -2.88 4.49 15.24
C GLU A 124 -4.22 5.14 15.58
N ASN A 125 -4.37 6.43 15.29
CA ASN A 125 -5.62 7.08 15.60
C ASN A 125 -6.51 7.36 14.38
N ILE A 126 -6.15 6.78 13.23
CA ILE A 126 -6.93 6.96 12.01
C ILE A 126 -7.67 5.66 11.70
N PRO A 127 -9.00 5.70 11.69
CA PRO A 127 -9.73 4.46 11.40
C PRO A 127 -9.50 3.79 10.04
N LEU A 128 -9.49 2.46 10.06
CA LEU A 128 -9.37 1.64 8.86
C LEU A 128 -10.58 0.70 8.81
N GLY A 129 -10.70 -0.02 7.70
CA GLY A 129 -11.84 -0.92 7.49
C GLY A 129 -12.49 -0.49 6.18
N LEU A 130 -13.41 -1.28 5.65
CA LEU A 130 -14.04 -0.91 4.39
C LEU A 130 -14.84 0.40 4.46
N PRO A 131 -15.54 0.68 5.56
CA PRO A 131 -16.28 1.96 5.59
C PRO A 131 -15.32 3.15 5.62
N ALA A 132 -14.12 2.94 6.15
CA ALA A 132 -13.13 4.00 6.19
C ALA A 132 -12.56 4.20 4.77
N LEU A 133 -12.43 3.14 3.99
CA LEU A 133 -11.93 3.28 2.62
C LEU A 133 -12.99 4.02 1.81
N ASP A 134 -14.26 3.76 2.10
CA ASP A 134 -15.37 4.45 1.42
C ASP A 134 -15.22 5.95 1.66
N SER A 135 -15.03 6.32 2.93
CA SER A 135 -14.93 7.73 3.27
C SER A 135 -13.68 8.35 2.64
N ALA A 136 -12.60 7.58 2.55
CA ALA A 136 -11.39 8.16 1.95
C ALA A 136 -11.66 8.42 0.47
N ILE A 137 -12.43 7.55 -0.18
CA ILE A 137 -12.70 7.78 -1.61
C ILE A 137 -13.52 9.07 -1.76
N THR A 138 -14.54 9.23 -0.93
CA THR A 138 -15.36 10.44 -0.99
C THR A 138 -14.50 11.69 -0.76
N THR A 139 -13.70 11.64 0.29
CA THR A 139 -12.85 12.76 0.67
C THR A 139 -11.90 13.18 -0.44
N LEU A 140 -11.31 12.21 -1.11
CA LEU A 140 -10.38 12.52 -2.20
C LEU A 140 -11.10 12.94 -3.48
N PHE A 141 -12.30 12.40 -3.71
CA PHE A 141 -13.06 12.75 -4.90
C PHE A 141 -13.45 14.23 -4.81
N TYR A 142 -13.78 14.66 -3.60
CA TYR A 142 -14.13 16.06 -3.33
C TYR A 142 -12.93 16.68 -2.60
N TYR A 143 -11.76 16.62 -3.24
CA TYR A 143 -10.51 17.12 -2.65
C TYR A 143 -10.56 18.45 -1.89
N ASN A 144 -10.02 18.43 -0.69
CA ASN A 144 -9.87 19.61 0.15
C ASN A 144 -8.59 19.44 0.93
N ALA A 145 -7.72 20.44 0.84
CA ALA A 145 -6.43 20.42 1.51
C ALA A 145 -6.51 20.03 2.98
N ASN A 146 -7.58 20.43 3.65
CA ASN A 146 -7.78 20.12 5.07
C ASN A 146 -7.95 18.65 5.43
N SER A 147 -8.51 17.88 4.51
CA SER A 147 -8.79 16.47 4.80
C SER A 147 -8.04 15.42 4.00
N ALA A 148 -7.30 15.85 2.99
CA ALA A 148 -6.64 14.89 2.13
C ALA A 148 -5.55 14.00 2.69
N ALA A 149 -4.67 14.54 3.54
CA ALA A 149 -3.58 13.70 4.04
C ALA A 149 -4.05 12.47 4.79
N SER A 150 -5.03 12.66 5.66
CA SER A 150 -5.55 11.56 6.43
C SER A 150 -6.20 10.52 5.52
N ALA A 151 -6.96 10.98 4.53
CA ALA A 151 -7.61 10.04 3.60
C ALA A 151 -6.56 9.28 2.77
N LEU A 152 -5.49 9.95 2.42
CA LEU A 152 -4.44 9.31 1.68
C LEU A 152 -3.77 8.23 2.54
N MET A 153 -3.68 8.44 3.86
CA MET A 153 -3.08 7.36 4.66
C MET A 153 -4.04 6.18 4.72
N VAL A 154 -5.34 6.44 4.71
CA VAL A 154 -6.28 5.31 4.70
C VAL A 154 -6.11 4.59 3.38
N LEU A 155 -6.02 5.34 2.29
CA LEU A 155 -5.89 4.73 0.97
C LEU A 155 -4.63 3.88 0.85
N ILE A 156 -3.49 4.43 1.26
CA ILE A 156 -2.23 3.69 1.18
C ILE A 156 -2.30 2.40 1.99
N GLN A 157 -2.85 2.49 3.19
CA GLN A 157 -2.90 1.30 4.03
C GLN A 157 -3.85 0.24 3.49
N SER A 158 -4.97 0.69 2.89
CA SER A 158 -5.97 -0.20 2.32
C SER A 158 -5.58 -0.80 0.97
N THR A 159 -4.48 -0.31 0.37
CA THR A 159 -4.06 -0.83 -0.92
C THR A 159 -2.61 -1.34 -0.84
N SER A 160 -1.67 -0.42 -0.76
CA SER A 160 -0.25 -0.74 -0.67
C SER A 160 0.10 -1.70 0.47
N GLU A 161 -0.33 -1.36 1.69
CA GLU A 161 0.05 -2.19 2.84
C GLU A 161 -0.70 -3.54 2.85
N ALA A 162 -1.97 -3.52 2.48
CA ALA A 162 -2.78 -4.74 2.42
C ALA A 162 -2.15 -5.70 1.38
N ALA A 163 -1.68 -5.16 0.26
CA ALA A 163 -1.08 -6.02 -0.75
C ALA A 163 0.21 -6.63 -0.21
N ARG A 164 0.97 -5.87 0.57
CA ARG A 164 2.22 -6.39 1.10
C ARG A 164 2.09 -7.40 2.24
N TYR A 165 0.97 -7.39 2.97
CA TYR A 165 0.84 -8.29 4.12
C TYR A 165 -0.52 -8.93 4.30
N LYS A 166 -0.57 -10.26 4.31
CA LYS A 166 -1.84 -10.96 4.52
C LYS A 166 -2.57 -10.50 5.79
N PHE A 167 -1.80 -10.23 6.84
CA PHE A 167 -2.36 -9.78 8.08
C PHE A 167 -3.12 -8.48 7.92
N ILE A 168 -2.50 -7.53 7.22
CA ILE A 168 -3.17 -6.25 7.04
C ILE A 168 -4.41 -6.39 6.14
N GLU A 169 -4.32 -7.18 5.07
CA GLU A 169 -5.44 -7.45 4.17
C GLU A 169 -6.59 -8.03 4.99
N GLN A 170 -6.27 -9.01 5.81
CA GLN A 170 -7.29 -9.66 6.61
C GLN A 170 -7.97 -8.76 7.66
N GLN A 171 -7.19 -7.94 8.38
CA GLN A 171 -7.78 -7.05 9.40
C GLN A 171 -8.63 -5.96 8.79
N ILE A 172 -8.21 -5.42 7.62
CA ILE A 172 -9.04 -4.39 6.99
C ILE A 172 -10.32 -4.99 6.39
N GLY A 173 -10.18 -6.14 5.74
CA GLY A 173 -11.32 -6.78 5.08
C GLY A 173 -12.40 -7.33 5.97
N LYS A 174 -12.05 -7.66 7.19
CA LYS A 174 -13.07 -8.20 8.06
C LYS A 174 -13.99 -7.11 8.59
N ARG A 175 -13.58 -5.84 8.47
CA ARG A 175 -14.42 -4.73 8.89
C ARG A 175 -15.26 -4.29 7.71
N VAL A 176 -16.40 -4.96 7.53
CA VAL A 176 -17.28 -4.64 6.42
C VAL A 176 -18.23 -3.49 6.74
N ASP A 177 -18.83 -3.51 7.92
CA ASP A 177 -19.76 -2.45 8.32
C ASP A 177 -19.31 -1.70 9.57
N LYS A 178 -18.05 -1.90 9.97
CA LYS A 178 -17.50 -1.23 11.14
C LYS A 178 -16.10 -0.77 10.81
N THR A 179 -15.51 0.06 11.69
CA THR A 179 -14.12 0.49 11.48
C THR A 179 -13.32 0.20 12.75
N PHE A 180 -11.99 0.24 12.62
CA PHE A 180 -11.12 -0.08 13.75
C PHE A 180 -9.82 0.73 13.68
N LEU A 181 -9.12 0.83 14.81
CA LEU A 181 -7.84 1.54 14.85
C LEU A 181 -6.79 0.45 14.69
N PRO A 182 -5.83 0.64 13.79
CA PRO A 182 -4.79 -0.38 13.62
C PRO A 182 -3.89 -0.56 14.83
N SER A 183 -3.53 -1.81 15.11
CA SER A 183 -2.68 -2.12 16.27
C SER A 183 -1.20 -1.79 16.00
N LEU A 184 -0.39 -1.86 17.03
CA LEU A 184 1.02 -1.62 16.84
C LEU A 184 1.59 -2.69 15.91
N ALA A 185 1.02 -3.91 15.90
CA ALA A 185 1.53 -4.93 15.00
C ALA A 185 1.42 -4.45 13.54
N ILE A 186 0.31 -3.84 13.16
CA ILE A 186 0.14 -3.30 11.79
C ILE A 186 1.17 -2.19 11.52
N ILE A 187 1.27 -1.23 12.44
CA ILE A 187 2.24 -0.13 12.30
C ILE A 187 3.64 -0.68 12.06
N SER A 188 4.00 -1.70 12.84
CA SER A 188 5.31 -2.35 12.75
C SER A 188 5.53 -3.02 11.40
N LEU A 189 4.54 -3.76 10.92
CA LEU A 189 4.69 -4.37 9.61
C LEU A 189 4.92 -3.30 8.55
N GLU A 190 4.15 -2.21 8.62
CA GLU A 190 4.31 -1.13 7.64
C GLU A 190 5.71 -0.55 7.73
N ASN A 191 6.17 -0.33 8.96
CA ASN A 191 7.48 0.27 9.16
C ASN A 191 8.63 -0.61 8.71
N SER A 192 8.42 -1.92 8.81
CA SER A 192 9.45 -2.89 8.55
C SER A 192 9.51 -3.57 7.20
N TRP A 193 8.64 -3.19 6.28
CA TRP A 193 8.62 -3.87 4.99
C TRP A 193 9.95 -3.92 4.25
N SER A 194 10.63 -2.78 4.19
CA SER A 194 11.89 -2.72 3.47
C SER A 194 12.95 -3.60 4.13
N ALA A 195 13.07 -3.49 5.45
CA ALA A 195 14.08 -4.29 6.14
C ALA A 195 13.79 -5.75 6.01
N LEU A 196 12.53 -6.15 6.17
CA LEU A 196 12.18 -7.57 6.02
C LEU A 196 12.49 -8.07 4.60
N SER A 197 12.10 -7.29 3.60
CA SER A 197 12.38 -7.66 2.22
C SER A 197 13.86 -7.86 2.01
N LYS A 198 14.66 -6.95 2.57
CA LYS A 198 16.09 -7.02 2.44
C LYS A 198 16.70 -8.28 3.04
N GLN A 199 16.31 -8.57 4.29
CA GLN A 199 16.83 -9.73 5.00
C GLN A 199 16.36 -11.02 4.39
N ILE A 200 15.15 -11.05 3.84
CA ILE A 200 14.67 -12.30 3.23
C ILE A 200 15.51 -12.59 1.98
N GLN A 201 15.88 -11.56 1.24
CA GLN A 201 16.71 -11.81 0.07
C GLN A 201 18.10 -12.28 0.54
N ILE A 202 18.63 -11.66 1.59
CA ILE A 202 19.95 -12.09 2.09
C ILE A 202 19.86 -13.53 2.56
N ALA A 203 18.75 -13.90 3.21
CA ALA A 203 18.61 -15.24 3.73
C ALA A 203 18.67 -16.30 2.64
N SER A 204 18.15 -15.96 1.47
CA SER A 204 18.13 -16.93 0.39
C SER A 204 19.53 -17.32 -0.03
N THR A 205 20.51 -16.49 0.33
CA THR A 205 21.91 -16.77 -0.01
C THR A 205 22.71 -17.09 1.25
N ASN A 206 22.01 -17.32 2.36
CA ASN A 206 22.67 -17.54 3.65
C ASN A 206 21.96 -18.61 4.50
N ASN A 207 21.53 -19.67 3.83
CA ASN A 207 20.88 -20.80 4.49
C ASN A 207 19.63 -20.42 5.31
N GLY A 208 18.87 -19.44 4.85
CA GLY A 208 17.65 -19.06 5.55
C GLY A 208 17.83 -18.13 6.73
N GLN A 209 19.06 -17.73 7.04
CA GLN A 209 19.27 -16.84 8.18
C GLN A 209 19.43 -15.39 7.75
N PHE A 210 18.84 -14.48 8.51
CA PHE A 210 18.99 -13.04 8.22
C PHE A 210 20.41 -12.67 8.59
N GLU A 211 20.91 -11.59 7.98
CA GLU A 211 22.23 -11.04 8.28
C GLU A 211 22.05 -10.12 9.50
N SER A 212 20.93 -9.40 9.54
CA SER A 212 20.60 -8.51 10.67
C SER A 212 19.17 -8.82 11.10
N PRO A 213 18.91 -8.79 12.39
CA PRO A 213 17.55 -9.07 12.85
C PRO A 213 16.62 -7.93 12.52
N VAL A 214 15.32 -8.22 12.54
CA VAL A 214 14.30 -7.20 12.30
C VAL A 214 13.40 -7.26 13.53
N VAL A 215 13.16 -6.10 14.16
CA VAL A 215 12.29 -6.11 15.32
C VAL A 215 10.87 -5.76 14.94
N LEU A 216 9.92 -6.63 15.29
CA LEU A 216 8.51 -6.42 14.99
C LEU A 216 7.71 -6.37 16.29
N ILE A 217 6.45 -5.95 16.22
CA ILE A 217 5.61 -5.91 17.43
C ILE A 217 4.54 -6.97 17.26
N ASN A 218 4.43 -7.87 18.25
CA ASN A 218 3.46 -8.97 18.17
C ASN A 218 2.06 -8.65 18.66
N ALA A 219 1.23 -9.69 18.79
CA ALA A 219 -0.14 -9.52 19.20
C ALA A 219 -0.26 -8.96 20.60
N GLN A 220 0.77 -9.15 21.40
CA GLN A 220 0.76 -8.71 22.77
C GLN A 220 1.52 -7.38 22.98
N ASN A 221 1.78 -6.70 21.87
CA ASN A 221 2.52 -5.44 21.89
C ASN A 221 3.93 -5.57 22.43
N GLN A 222 4.49 -6.77 22.32
CA GLN A 222 5.85 -7.04 22.77
C GLN A 222 6.79 -6.98 21.57
N ARG A 223 8.03 -6.54 21.81
CA ARG A 223 9.01 -6.51 20.74
C ARG A 223 9.51 -7.92 20.52
N VAL A 224 9.46 -8.40 19.28
CA VAL A 224 9.99 -9.71 18.99
C VAL A 224 11.11 -9.56 17.95
N THR A 225 12.23 -10.24 18.17
CA THR A 225 13.35 -10.11 17.25
C THR A 225 13.37 -11.28 16.26
N ILE A 226 13.10 -10.97 14.99
CA ILE A 226 13.02 -11.95 13.89
C ILE A 226 14.37 -12.15 13.26
N THR A 227 14.77 -13.41 13.13
CA THR A 227 16.09 -13.74 12.62
C THR A 227 16.24 -14.68 11.42
N ASN A 228 15.14 -15.27 10.96
CA ASN A 228 15.24 -16.21 9.86
C ASN A 228 13.92 -16.45 9.17
N VAL A 229 13.96 -17.19 8.07
CA VAL A 229 12.78 -17.41 7.25
C VAL A 229 11.74 -18.37 7.78
N ASP A 230 11.98 -19.00 8.93
CA ASP A 230 10.95 -19.87 9.48
C ASP A 230 10.03 -19.12 10.45
N ALA A 231 10.29 -17.82 10.65
CA ALA A 231 9.45 -16.99 11.49
C ALA A 231 8.09 -16.85 10.79
N GLY A 232 7.02 -16.79 11.58
CA GLY A 232 5.69 -16.67 11.05
C GLY A 232 5.45 -15.54 10.07
N VAL A 233 6.09 -14.38 10.29
CA VAL A 233 5.88 -13.28 9.36
C VAL A 233 6.38 -13.62 7.94
N VAL A 234 7.42 -14.47 7.84
CA VAL A 234 7.95 -14.84 6.53
C VAL A 234 7.15 -16.01 5.91
N THR A 235 6.86 -17.03 6.72
CA THR A 235 6.13 -18.17 6.23
C THR A 235 4.65 -17.92 5.92
N SER A 236 3.99 -17.02 6.64
CA SER A 236 2.55 -16.86 6.44
C SER A 236 1.95 -15.47 6.37
N ASN A 237 2.77 -14.43 6.29
CA ASN A 237 2.23 -13.08 6.30
C ASN A 237 2.71 -12.18 5.14
N ILE A 238 4.00 -11.87 5.10
CA ILE A 238 4.50 -11.00 4.02
C ILE A 238 4.16 -11.68 2.67
N ALA A 239 3.64 -10.86 1.76
CA ALA A 239 3.14 -11.33 0.46
C ALA A 239 3.84 -10.77 -0.77
N LEU A 240 4.69 -9.76 -0.56
CA LEU A 240 5.48 -9.16 -1.65
C LEU A 240 6.81 -8.74 -1.06
N LEU A 241 7.88 -8.84 -1.86
CA LEU A 241 9.20 -8.44 -1.43
C LEU A 241 9.71 -7.24 -2.24
N LEU A 242 10.14 -6.19 -1.56
CA LEU A 242 10.73 -5.04 -2.24
C LEU A 242 12.12 -5.50 -2.70
N ASN A 243 12.47 -5.24 -3.96
CA ASN A 243 13.77 -5.66 -4.47
C ASN A 243 14.93 -4.95 -3.75
N ARG A 244 16.02 -5.68 -3.49
CA ARG A 244 17.17 -5.10 -2.79
C ARG A 244 17.80 -3.92 -3.51
N ASN A 245 17.60 -3.83 -4.82
CA ASN A 245 18.17 -2.74 -5.58
C ASN A 245 17.22 -1.54 -5.76
N ASN A 246 16.08 -1.59 -5.07
CA ASN A 246 15.10 -0.53 -5.14
C ASN A 246 14.78 0.00 -3.74
N MET A 247 15.79 0.09 -2.88
CA MET A 247 15.53 0.55 -1.50
C MET A 247 15.91 1.98 -1.19
N ALA A 248 16.53 2.63 -2.16
CA ALA A 248 16.92 4.05 -2.03
C ALA A 248 18.14 4.36 -2.86
O5' D5M B . 8.95 6.14 2.76
C5' D5M B . 9.11 5.35 3.93
C4' D5M B . 7.67 5.20 4.50
O4' D5M B . 6.71 6.04 3.72
C3' D5M B . 7.24 3.64 4.23
O3' D5M B . 6.39 3.25 5.36
C2' D5M B . 6.51 3.84 2.80
C1' D5M B . 5.74 5.27 2.98
N9 D5M B . 5.55 5.97 1.64
C8 D5M B . 6.30 7.06 1.13
N7 D5M B . 5.97 7.54 -0.09
C5 D5M B . 4.90 6.66 -0.37
C6 D5M B . 4.03 6.60 -1.51
N6 D5M B . 4.22 7.51 -2.53
N1 D5M B . 3.07 5.58 -1.48
C2 D5M B . 2.93 4.70 -0.45
N3 D5M B . 3.69 4.71 0.68
C4 D5M B . 4.65 5.70 0.66
P D5M B . 10.23 6.73 1.97
O1P D5M B . 9.87 8.18 1.95
O3P D5M B . 10.26 6.12 0.57
O2P D5M B . 11.50 6.43 2.75
#